data_6DN1
#
_entry.id   6DN1
#
_cell.length_a   74.440
_cell.length_b   74.440
_cell.length_c   140.710
_cell.angle_alpha   90.000
_cell.angle_beta   90.000
_cell.angle_gamma   120.000
#
_symmetry.space_group_name_H-M   'P 31 2 1'
#
loop_
_entity.id
_entity.type
_entity.pdbx_description
1 polymer 'RNA RIBOSWITCH'
2 polymer 'RNA (57-MER)'
3 non-polymer 'MAGNESIUM ION'
4 non-polymer 10-(6-carboxyhexyl)-8-(cyclopentylamino)-2,4-dihydroxy-7-methylbenzo[g]pteridin-10-ium
5 non-polymer 'POTASSIUM ION'
6 water water
#
loop_
_entity_poly.entity_id
_entity_poly.type
_entity_poly.pdbx_seq_one_letter_code
_entity_poly.pdbx_strand_id
1 'polyribonucleotide' GGAUCUUCGGGGCAGGGUGAAAUUCCCGACCGGUGGUAUAGUCCACGAAUCCAU X
2 'polyribonucleotide' GGAUUGAUUUGGUGAAAUUCCAAAACCGACAGUAGAGUCUGGAUGAGAGAAGAUUCG Z
#
loop_
_chem_comp.id
_chem_comp.type
_chem_comp.name
_chem_comp.formula
A RNA linking ADENOSINE-5'-MONOPHOSPHATE 'C10 H14 N5 O7 P'
C RNA linking CYTIDINE-5'-MONOPHOSPHATE 'C9 H14 N3 O8 P'
G RNA linking GUANOSINE-5'-MONOPHOSPHATE 'C10 H14 N5 O8 P'
GZ7 non-polymer 10-(6-carboxyhexyl)-8-(cyclopentylamino)-2,4-dihydroxy-7-methylbenzo[g]pteridin-10-ium 'C23 H30 N5 O4 1'
K non-polymer 'POTASSIUM ION' 'K 1'
MG non-polymer 'MAGNESIUM ION' 'Mg 2'
U RNA linking URIDINE-5'-MONOPHOSPHATE 'C9 H13 N2 O9 P'
#
# COMPACT_ATOMS: atom_id res chain seq x y z
MG MG C . -4.44 14.52 -6.04
MG MG D . 29.83 4.58 10.76
MG MG E . -10.05 6.93 0.49
MG MG F . 19.93 12.91 8.46
C4 GZ7 G . 1.11 -5.00 -4.05
O4 GZ7 G . 0.44 -6.01 -4.57
C6 GZ7 G . -2.91 -3.67 -1.87
N1 GZ7 G . 2.47 -2.93 -2.90
C7 GZ7 G . -3.59 -2.92 -0.91
C8 GZ7 G . -2.88 -1.98 -0.16
C9 GZ7 G . -1.54 -1.72 -0.43
C10 GZ7 G . 1.16 -3.10 -2.62
C11 GZ7 G . -3.91 1.82 1.71
C12 GZ7 G . -4.65 0.92 2.56
N3 GZ7 G . 2.44 -4.86 -4.32
C13 GZ7 G . -3.60 -0.05 2.99
C01 GZ7 G . 1.30 0.16 -1.76
N01 GZ7 G . -3.51 -1.36 0.91
O01 GZ7 G . 0.86 6.20 1.87
C02 GZ7 G . 1.28 -1.16 -1.00
C2 GZ7 G . 3.03 -3.83 -3.71
O02 GZ7 G . 0.01 6.04 -0.15
O2 GZ7 G . 4.33 -3.60 -3.87
C03 GZ7 G . 0.31 1.23 -1.27
C04 GZ7 G . 0.80 2.06 -0.08
C4A GZ7 G . 0.39 -4.13 -3.20
C05 GZ7 G . 1.13 3.46 -0.49
C5A GZ7 G . -1.53 -3.48 -2.08
N5 GZ7 G . -0.94 -4.34 -2.97
C06 GZ7 G . 1.54 4.35 0.67
C07 GZ7 G . 0.73 5.63 0.80
C7M GZ7 G . -5.08 -3.12 -0.74
C08 GZ7 G . -2.88 -0.35 1.73
C09 GZ7 G . -2.89 0.97 0.99
C9A GZ7 G . -0.85 -2.45 -1.38
N10 GZ7 G . 0.52 -2.23 -1.67
H41 GZ7 G . 0.99 -6.58 -5.14
H61 GZ7 G . -3.43 -4.39 -2.47
H91 GZ7 G . -1.02 -0.94 0.13
H111 GZ7 G . -4.54 2.40 1.03
H112 GZ7 G . -3.36 2.55 2.30
H121 GZ7 G . -5.48 0.43 2.06
H122 GZ7 G . -5.10 1.46 3.39
H132 GZ7 G . -2.96 0.41 3.74
H131 GZ7 G . -4.01 -0.93 3.46
H012 GZ7 G . 2.33 0.52 -1.77
H011 GZ7 G . 1.10 -0.02 -2.82
H013 GZ7 G . -4.20 -1.92 1.41
H022 GZ7 G . 0.99 -1.02 0.04
H021 GZ7 G . 2.30 -1.50 -0.91
H21 GZ7 G . 4.73 -4.27 -4.48
H031 GZ7 G . 0.11 1.89 -2.11
H032 GZ7 G . -0.66 0.80 -1.04
H042 GZ7 G . 0.11 2.06 0.76
H041 GZ7 G . 1.69 1.58 0.31
H051 GZ7 G . 1.94 3.44 -1.22
H052 GZ7 G . 0.27 3.87 -1.03
H061 GZ7 G . 1.49 3.80 1.60
H062 GZ7 G . 2.57 4.70 0.55
H7M1 GZ7 G . -5.64 -2.19 -0.58
H7M3 GZ7 G . -5.30 -3.72 0.14
H7M2 GZ7 G . -5.48 -3.63 -1.61
H081 GZ7 G . -1.85 -0.61 2.00
H091 GZ7 G . -1.91 1.44 1.00
H092 GZ7 G . -3.17 0.86 -0.05
K K H . 8.20 -3.20 -0.84
MG MG I . 5.30 3.04 11.71
MG MG J . 5.61 -9.83 8.78
#